data_7HSV
#
_entry.id   7HSV
#
_cell.length_a   99.086
_cell.length_b   99.103
_cell.length_c   128.387
_cell.angle_alpha   90.00
_cell.angle_beta   90.00
_cell.angle_gamma   90.00
#
_symmetry.space_group_name_H-M   'I 2 2 2'
#
loop_
_entity.id
_entity.type
_entity.pdbx_description
1 polymer 'Oleoyl-acyl carrier protein thioesterase 1, chloroplastic'
2 non-polymer 1-methyl-N-{[(2S)-oxolan-2-yl]methyl}-1H-pyrazole-3-carboxamide
3 non-polymer 'SULFATE ION'
4 water water
#
_entity_poly.entity_id   1
_entity_poly.type   'polypeptide(L)'
_entity_poly.pdbx_seq_one_letter_code
;MGSLTEDGLSYKEKFVVRSYEVGSNKTATVETIANLLQEVGCNHAQSVGFSTDGFATTTTMRKLHLIWVTARMHIEIYKY
PAWGDVVEIETWCQSEGRIGTRRDWILKDSVTGEVTGRATSKWVMMNQDTRRLQKVSDDVRDEYLVFCPQEPRLAFPEEN
NRSLKKIPKLEDPAQYSMIGLKPRRADLDMNQHVNNVTYIGWVLESIPQEIVDTHELQVITLDYRRECQQDDVVDSLTTT
TSEIGGTNGSATSGTQGHNDSQFLHLLRLSGDGQEINRGTTLWRKKPSSHHHHHH
;
_entity_poly.pdbx_strand_id   A,B
#
loop_
_chem_comp.id
_chem_comp.type
_chem_comp.name
_chem_comp.formula
JGY non-polymer 1-methyl-N-{[(2S)-oxolan-2-yl]methyl}-1H-pyrazole-3-carboxamide 'C10 H15 N3 O2'
SO4 non-polymer 'SULFATE ION' 'O4 S -2'
#
# COMPACT_ATOMS: atom_id res chain seq x y z
N GLY A 2 1.90 -16.97 -11.03
CA GLY A 2 2.48 -17.64 -9.88
C GLY A 2 2.38 -19.16 -9.97
N SER A 3 3.50 -19.85 -9.76
CA SER A 3 3.51 -21.30 -9.78
C SER A 3 4.78 -21.86 -9.17
N LEU A 4 4.70 -23.08 -8.64
CA LEU A 4 5.86 -23.79 -8.10
C LEU A 4 6.73 -24.19 -9.29
N THR A 5 8.06 -24.18 -9.12
CA THR A 5 8.97 -24.63 -10.18
C THR A 5 8.83 -26.15 -10.37
N GLU A 6 9.34 -26.70 -11.48
CA GLU A 6 9.25 -28.13 -11.79
C GLU A 6 9.52 -29.08 -10.64
N ASP A 7 10.51 -28.78 -9.77
CA ASP A 7 10.83 -29.66 -8.64
C ASP A 7 9.89 -29.51 -7.44
N GLY A 8 9.06 -28.47 -7.40
CA GLY A 8 8.17 -28.19 -6.28
C GLY A 8 8.86 -27.70 -5.03
N LEU A 9 10.15 -27.33 -5.13
CA LEU A 9 10.97 -26.88 -4.02
C LEU A 9 11.24 -25.37 -3.99
N SER A 10 10.51 -24.59 -4.81
CA SER A 10 10.56 -23.13 -4.93
C SER A 10 9.33 -22.62 -5.72
N TYR A 11 9.05 -21.31 -5.65
CA TYR A 11 7.89 -20.71 -6.28
C TYR A 11 8.28 -19.44 -7.05
N LYS A 12 7.69 -19.21 -8.24
CA LYS A 12 7.97 -18.00 -9.01
C LYS A 12 6.71 -17.19 -9.28
N GLU A 13 6.85 -15.85 -9.39
CA GLU A 13 5.72 -14.96 -9.68
C GLU A 13 6.15 -13.66 -10.35
N LYS A 14 5.45 -13.26 -11.44
CA LYS A 14 5.74 -12.00 -12.11
C LYS A 14 4.81 -10.90 -11.61
N PHE A 15 5.32 -9.68 -11.47
CA PHE A 15 4.55 -8.54 -10.97
C PHE A 15 4.80 -7.33 -11.86
N VAL A 16 3.74 -6.69 -12.38
CA VAL A 16 3.91 -5.45 -13.15
C VAL A 16 3.92 -4.35 -12.09
N VAL A 17 4.90 -3.43 -12.11
CA VAL A 17 4.95 -2.34 -11.13
C VAL A 17 3.84 -1.30 -11.39
N ARG A 18 3.11 -0.91 -10.33
CA ARG A 18 1.97 -0.01 -10.41
C ARG A 18 2.31 1.45 -10.17
N SER A 19 1.45 2.35 -10.67
CA SER A 19 1.64 3.79 -10.56
C SER A 19 1.87 4.27 -9.15
N TYR A 20 1.02 3.86 -8.19
CA TYR A 20 1.12 4.27 -6.79
C TYR A 20 2.25 3.55 -5.99
N GLU A 21 2.97 2.63 -6.64
CA GLU A 21 4.03 1.87 -6.01
C GLU A 21 5.42 2.47 -6.16
N VAL A 22 5.57 3.56 -6.96
CA VAL A 22 6.86 4.17 -7.24
C VAL A 22 7.12 5.48 -6.48
N GLY A 23 8.40 5.83 -6.34
CA GLY A 23 8.84 7.06 -5.67
C GLY A 23 9.06 8.21 -6.64
N SER A 24 9.83 9.21 -6.19
N SER A 24 9.81 9.23 -6.19
N SER A 24 9.83 9.21 -6.19
CA SER A 24 10.15 10.42 -6.95
CA SER A 24 10.10 10.43 -6.98
CA SER A 24 10.15 10.42 -6.95
C SER A 24 10.89 10.13 -8.26
C SER A 24 10.90 10.14 -8.25
C SER A 24 10.89 10.13 -8.26
N ASN A 25 11.73 9.08 -8.26
CA ASN A 25 12.49 8.72 -9.45
C ASN A 25 11.81 7.66 -10.34
N LYS A 26 10.47 7.51 -10.21
CA LYS A 26 9.60 6.64 -11.00
C LYS A 26 10.00 5.15 -10.97
N THR A 27 10.71 4.72 -9.91
CA THR A 27 11.05 3.33 -9.69
C THR A 27 10.38 2.88 -8.39
N ALA A 28 10.01 1.59 -8.29
CA ALA A 28 9.33 1.03 -7.11
C ALA A 28 10.06 1.33 -5.81
N THR A 29 9.33 1.56 -4.72
CA THR A 29 9.96 1.83 -3.42
C THR A 29 10.35 0.51 -2.73
N VAL A 30 11.27 0.57 -1.76
CA VAL A 30 11.67 -0.63 -1.01
C VAL A 30 10.48 -1.23 -0.27
N GLU A 31 9.47 -0.44 0.08
CA GLU A 31 8.27 -0.94 0.73
C GLU A 31 7.40 -1.69 -0.28
N THR A 32 7.41 -1.30 -1.57
CA THR A 32 6.71 -2.06 -2.62
C THR A 32 7.41 -3.37 -2.82
N ILE A 33 8.76 -3.38 -2.92
CA ILE A 33 9.54 -4.61 -3.01
C ILE A 33 9.23 -5.53 -1.81
N ALA A 34 9.28 -4.99 -0.57
CA ALA A 34 9.01 -5.71 0.68
C ALA A 34 7.61 -6.32 0.73
N ASN A 35 6.64 -5.68 0.05
CA ASN A 35 5.26 -6.15 -0.05
C ASN A 35 5.19 -7.28 -1.05
N LEU A 36 5.91 -7.15 -2.19
CA LEU A 36 5.96 -8.19 -3.21
C LEU A 36 6.66 -9.46 -2.68
N LEU A 37 7.70 -9.33 -1.85
CA LEU A 37 8.36 -10.50 -1.26
C LEU A 37 7.39 -11.25 -0.35
N GLN A 38 6.56 -10.51 0.39
CA GLN A 38 5.63 -11.13 1.32
C GLN A 38 4.45 -11.76 0.57
N GLU A 39 4.04 -11.18 -0.57
CA GLU A 39 2.97 -11.72 -1.39
C GLU A 39 3.38 -13.03 -2.07
N VAL A 40 4.62 -13.11 -2.56
CA VAL A 40 5.10 -14.33 -3.20
C VAL A 40 5.28 -15.46 -2.13
N GLY A 41 5.74 -15.10 -0.93
CA GLY A 41 5.87 -16.03 0.19
C GLY A 41 4.53 -16.56 0.65
N CYS A 42 3.48 -15.72 0.57
N CYS A 42 3.49 -15.72 0.57
N CYS A 42 3.48 -15.72 0.57
CA CYS A 42 2.12 -16.10 0.94
CA CYS A 42 2.14 -16.12 0.96
CA CYS A 42 2.12 -16.10 0.94
C CYS A 42 1.56 -17.07 -0.08
C CYS A 42 1.55 -17.08 -0.08
C CYS A 42 1.56 -17.07 -0.08
N ASN A 43 1.80 -16.82 -1.37
CA ASN A 43 1.33 -17.68 -2.46
C ASN A 43 2.05 -19.03 -2.47
N HIS A 44 3.36 -19.06 -2.15
CA HIS A 44 4.13 -20.30 -2.08
C HIS A 44 3.55 -21.21 -0.98
N ALA A 45 3.21 -20.64 0.19
CA ALA A 45 2.65 -21.39 1.31
C ALA A 45 1.27 -21.98 0.97
N GLN A 46 0.45 -21.21 0.23
CA GLN A 46 -0.88 -21.66 -0.17
C GLN A 46 -0.78 -22.74 -1.24
N SER A 47 0.16 -22.59 -2.19
N SER A 47 0.15 -22.58 -2.19
N SER A 47 0.16 -22.59 -2.19
CA SER A 47 0.35 -23.53 -3.28
CA SER A 47 0.33 -23.54 -3.28
CA SER A 47 0.35 -23.53 -3.28
C SER A 47 0.84 -24.90 -2.84
C SER A 47 0.84 -24.91 -2.83
C SER A 47 0.84 -24.90 -2.84
N VAL A 48 1.38 -25.02 -1.62
CA VAL A 48 1.86 -26.31 -1.08
C VAL A 48 0.91 -26.87 0.01
N GLY A 49 -0.16 -26.15 0.34
CA GLY A 49 -1.16 -26.62 1.31
C GLY A 49 -1.05 -26.04 2.70
N PHE A 50 -0.97 -24.71 2.84
CA PHE A 50 -0.87 -24.07 4.15
C PHE A 50 -1.93 -22.96 4.38
N SER A 51 -1.99 -22.40 5.63
CA SER A 51 -2.88 -21.32 6.05
C SER A 51 -2.46 -20.76 7.42
N ALA A 56 2.00 -19.57 7.54
CA ALA A 56 2.49 -20.86 7.04
C ALA A 56 2.42 -21.94 8.13
N THR A 57 1.28 -21.98 8.85
CA THR A 57 1.08 -22.93 9.94
C THR A 57 0.77 -24.34 9.44
N THR A 58 1.41 -25.33 10.09
CA THR A 58 1.25 -26.76 9.79
C THR A 58 0.15 -27.36 10.71
N THR A 59 0.02 -28.70 10.79
CA THR A 59 -0.97 -29.34 11.63
C THR A 59 -0.59 -29.24 13.10
N THR A 60 0.70 -29.48 13.44
CA THR A 60 1.20 -29.40 14.81
C THR A 60 1.25 -27.95 15.34
N MET A 61 1.40 -26.97 14.43
CA MET A 61 1.42 -25.57 14.83
C MET A 61 0.03 -25.07 15.24
N ARG A 62 -0.98 -25.33 14.41
CA ARG A 62 -2.35 -24.94 14.72
C ARG A 62 -2.84 -25.63 16.00
N LYS A 63 -2.45 -26.91 16.17
CA LYS A 63 -2.76 -27.75 17.32
C LYS A 63 -2.18 -27.15 18.63
N LEU A 64 -0.93 -26.66 18.60
CA LEU A 64 -0.31 -26.11 19.79
C LEU A 64 -0.28 -24.57 19.87
N HIS A 65 -1.08 -23.88 19.04
CA HIS A 65 -1.15 -22.40 19.02
C HIS A 65 0.20 -21.74 18.70
N LEU A 66 0.97 -22.32 17.77
CA LEU A 66 2.28 -21.78 17.42
C LEU A 66 2.24 -20.99 16.13
N ILE A 67 3.06 -19.94 16.02
CA ILE A 67 3.16 -19.06 14.87
C ILE A 67 4.62 -18.78 14.48
N TRP A 68 4.83 -18.48 13.20
CA TRP A 68 6.16 -18.15 12.70
C TRP A 68 6.26 -16.64 12.77
N VAL A 69 7.26 -16.11 13.49
CA VAL A 69 7.44 -14.67 13.58
C VAL A 69 8.80 -14.26 12.98
N THR A 70 8.85 -13.11 12.27
CA THR A 70 10.11 -12.64 11.68
C THR A 70 11.05 -12.13 12.77
N ALA A 71 12.28 -12.62 12.76
CA ALA A 71 13.33 -12.19 13.68
C ALA A 71 14.30 -11.22 12.96
N ARG A 72 14.52 -11.38 11.65
CA ARG A 72 15.43 -10.53 10.89
C ARG A 72 15.06 -10.54 9.41
N MET A 73 15.20 -9.40 8.74
CA MET A 73 14.95 -9.16 7.33
C MET A 73 16.20 -8.51 6.73
N HIS A 74 16.67 -8.97 5.59
CA HIS A 74 17.84 -8.38 4.94
C HIS A 74 17.54 -8.26 3.44
N ILE A 75 17.58 -7.03 2.88
CA ILE A 75 17.26 -6.81 1.48
C ILE A 75 18.35 -6.05 0.75
N GLU A 76 18.84 -6.58 -0.37
CA GLU A 76 19.86 -5.92 -1.16
C GLU A 76 19.30 -5.68 -2.56
N ILE A 77 19.24 -4.42 -3.01
CA ILE A 77 18.72 -4.07 -4.34
C ILE A 77 19.81 -3.49 -5.21
N TYR A 78 19.94 -3.96 -6.45
CA TYR A 78 20.91 -3.40 -7.40
C TYR A 78 20.20 -2.47 -8.40
N LYS A 79 18.92 -2.73 -8.69
CA LYS A 79 18.14 -1.93 -9.62
C LYS A 79 16.67 -2.04 -9.26
N TYR A 80 16.02 -0.91 -8.98
CA TYR A 80 14.62 -0.90 -8.64
C TYR A 80 13.80 -0.98 -9.92
N PRO A 81 12.82 -1.90 -10.01
CA PRO A 81 11.99 -1.96 -11.22
C PRO A 81 11.22 -0.66 -11.43
N ALA A 82 11.28 -0.10 -12.64
CA ALA A 82 10.56 1.13 -12.95
C ALA A 82 9.05 0.87 -13.10
N TRP A 83 8.22 1.92 -12.96
CA TRP A 83 6.77 1.87 -13.15
C TRP A 83 6.45 1.29 -14.54
N GLY A 84 5.71 0.18 -14.55
CA GLY A 84 5.32 -0.49 -15.78
C GLY A 84 6.16 -1.70 -16.13
N ASP A 85 7.32 -1.86 -15.46
CA ASP A 85 8.21 -3.00 -15.70
C ASP A 85 7.65 -4.25 -15.02
N VAL A 86 8.02 -5.42 -15.51
CA VAL A 86 7.63 -6.67 -14.91
C VAL A 86 8.85 -7.19 -14.13
N VAL A 87 8.63 -7.61 -12.89
CA VAL A 87 9.69 -8.14 -12.05
C VAL A 87 9.33 -9.57 -11.66
N GLU A 88 10.26 -10.52 -11.83
CA GLU A 88 9.99 -11.91 -11.44
C GLU A 88 10.68 -12.25 -10.13
N ILE A 89 9.93 -12.77 -9.16
CA ILE A 89 10.51 -13.13 -7.86
C ILE A 89 10.43 -14.63 -7.59
N GLU A 90 11.58 -15.24 -7.25
CA GLU A 90 11.62 -16.65 -6.91
C GLU A 90 11.92 -16.78 -5.42
N THR A 91 11.08 -17.52 -4.69
CA THR A 91 11.23 -17.69 -3.25
C THR A 91 11.30 -19.17 -2.84
N TRP A 92 11.85 -19.43 -1.65
CA TRP A 92 11.98 -20.78 -1.11
C TRP A 92 12.32 -20.74 0.36
N CYS A 93 11.94 -21.79 1.10
N CYS A 93 11.96 -21.81 1.10
N CYS A 93 11.94 -21.79 1.10
CA CYS A 93 12.24 -21.87 2.53
CA CYS A 93 12.23 -21.93 2.52
CA CYS A 93 12.24 -21.87 2.53
C CYS A 93 13.16 -23.05 2.84
C CYS A 93 13.25 -23.03 2.79
C CYS A 93 13.16 -23.05 2.84
N GLN A 94 13.91 -22.95 3.93
CA GLN A 94 14.85 -23.98 4.36
C GLN A 94 14.85 -24.05 5.89
N SER A 95 15.08 -25.25 6.40
CA SER A 95 15.16 -25.49 7.82
C SER A 95 16.55 -25.02 8.28
N GLU A 96 16.61 -24.36 9.43
CA GLU A 96 17.88 -23.93 10.01
C GLU A 96 18.04 -24.61 11.37
N GLY A 97 17.80 -25.92 11.39
CA GLY A 97 17.88 -26.75 12.60
C GLY A 97 16.72 -26.50 13.54
N ARG A 98 17.01 -26.44 14.84
CA ARG A 98 15.96 -26.16 15.82
C ARG A 98 15.80 -24.66 16.15
N ILE A 99 16.49 -23.78 15.42
CA ILE A 99 16.37 -22.35 15.65
C ILE A 99 15.07 -21.84 15.00
N GLY A 100 14.87 -22.24 13.75
CA GLY A 100 13.69 -21.85 13.00
C GLY A 100 13.91 -22.06 11.53
N THR A 101 13.15 -21.33 10.73
CA THR A 101 13.27 -21.42 9.29
C THR A 101 13.88 -20.15 8.70
N ARG A 102 14.38 -20.27 7.47
CA ARG A 102 14.90 -19.15 6.71
C ARG A 102 14.12 -19.07 5.38
N ARG A 103 13.74 -17.88 4.91
CA ARG A 103 13.10 -17.76 3.59
C ARG A 103 13.96 -16.84 2.73
N ASP A 104 14.27 -17.25 1.48
CA ASP A 104 15.07 -16.42 0.58
C ASP A 104 14.32 -16.00 -0.68
N TRP A 105 14.74 -14.90 -1.31
CA TRP A 105 14.14 -14.41 -2.54
C TRP A 105 15.23 -13.96 -3.51
N ILE A 106 14.93 -13.98 -4.79
CA ILE A 106 15.78 -13.50 -5.87
C ILE A 106 14.84 -12.69 -6.74
N LEU A 107 15.22 -11.45 -7.05
CA LEU A 107 14.42 -10.58 -7.90
C LEU A 107 15.11 -10.50 -9.24
N LYS A 108 14.34 -10.65 -10.30
CA LYS A 108 14.90 -10.63 -11.66
C LYS A 108 14.10 -9.75 -12.58
N ASP A 109 14.73 -9.34 -13.69
CA ASP A 109 14.04 -8.56 -14.70
C ASP A 109 13.41 -9.56 -15.67
N SER A 110 12.12 -9.38 -15.97
CA SER A 110 11.42 -10.27 -16.87
C SER A 110 11.99 -10.18 -18.31
N VAL A 111 12.49 -9.01 -18.71
CA VAL A 111 13.01 -8.84 -20.07
C VAL A 111 14.47 -9.30 -20.21
N THR A 112 15.37 -8.84 -19.34
CA THR A 112 16.79 -9.20 -19.43
C THR A 112 17.14 -10.53 -18.73
N GLY A 113 16.43 -10.87 -17.68
CA GLY A 113 16.70 -12.08 -16.90
C GLY A 113 17.82 -11.92 -15.89
N GLU A 114 18.27 -10.67 -15.66
CA GLU A 114 19.36 -10.36 -14.73
C GLU A 114 18.83 -10.22 -13.30
N VAL A 115 19.66 -10.56 -12.31
CA VAL A 115 19.26 -10.42 -10.90
C VAL A 115 19.35 -8.96 -10.51
N THR A 116 18.19 -8.33 -10.24
CA THR A 116 18.15 -6.92 -9.86
C THR A 116 18.00 -6.69 -8.34
N GLY A 117 17.91 -7.75 -7.56
CA GLY A 117 17.83 -7.67 -6.11
C GLY A 117 17.74 -9.05 -5.48
N ARG A 118 17.92 -9.14 -4.16
CA ARG A 118 17.79 -10.40 -3.43
C ARG A 118 17.58 -10.15 -1.94
N ALA A 119 16.80 -11.01 -1.29
CA ALA A 119 16.48 -10.85 0.13
C ALA A 119 16.55 -12.18 0.91
N THR A 120 16.66 -12.10 2.23
CA THR A 120 16.68 -13.25 3.13
C THR A 120 15.97 -12.85 4.44
N SER A 121 15.26 -13.79 5.05
CA SER A 121 14.59 -13.51 6.33
C SER A 121 14.71 -14.71 7.29
N LYS A 122 14.87 -14.44 8.60
CA LYS A 122 14.94 -15.51 9.59
C LYS A 122 13.69 -15.51 10.47
N TRP A 123 13.08 -16.66 10.66
CA TRP A 123 11.83 -16.79 11.38
C TRP A 123 11.96 -17.70 12.57
N VAL A 124 11.40 -17.29 13.72
CA VAL A 124 11.41 -18.14 14.91
C VAL A 124 10.01 -18.62 15.26
N MET A 125 9.93 -19.74 15.97
CA MET A 125 8.67 -20.33 16.38
C MET A 125 8.21 -19.65 17.66
N MET A 126 6.91 -19.32 17.79
CA MET A 126 6.43 -18.58 18.98
C MET A 126 4.98 -18.95 19.38
N ASN A 127 4.67 -19.05 20.69
CA ASN A 127 3.29 -19.30 21.10
C ASN A 127 2.52 -18.02 20.86
N GLN A 128 1.50 -18.10 20.00
CA GLN A 128 0.63 -16.99 19.61
C GLN A 128 0.13 -16.16 20.79
N ASP A 129 -0.24 -16.84 21.89
CA ASP A 129 -0.80 -16.25 23.12
C ASP A 129 0.24 -15.76 24.15
N THR A 130 1.10 -16.64 24.67
CA THR A 130 2.09 -16.24 25.69
C THR A 130 3.32 -15.50 25.15
N ARG A 131 3.51 -15.53 23.81
CA ARG A 131 4.64 -14.90 23.09
C ARG A 131 5.98 -15.64 23.27
N ARG A 132 6.03 -16.71 24.06
CA ARG A 132 7.27 -17.43 24.37
C ARG A 132 7.81 -18.17 23.16
N LEU A 133 9.09 -17.98 22.84
CA LEU A 133 9.69 -18.65 21.69
C LEU A 133 9.90 -20.13 21.93
N GLN A 134 9.82 -20.92 20.86
CA GLN A 134 9.98 -22.37 20.92
C GLN A 134 11.14 -22.80 20.06
N LYS A 135 11.84 -23.85 20.48
CA LYS A 135 12.90 -24.43 19.68
C LYS A 135 12.16 -25.41 18.80
N VAL A 136 12.17 -25.19 17.48
CA VAL A 136 11.47 -26.03 16.49
C VAL A 136 11.57 -27.54 16.77
N SER A 137 10.44 -28.16 17.16
CA SER A 137 10.37 -29.58 17.48
C SER A 137 10.53 -30.48 16.24
N ASP A 138 10.80 -31.76 16.43
CA ASP A 138 11.02 -32.69 15.33
C ASP A 138 9.75 -33.06 14.54
N ASP A 139 8.56 -33.02 15.16
CA ASP A 139 7.32 -33.34 14.45
C ASP A 139 7.04 -32.23 13.43
N VAL A 140 7.22 -30.97 13.85
CA VAL A 140 7.00 -29.79 13.00
C VAL A 140 8.06 -29.74 11.92
N ARG A 141 9.33 -30.06 12.26
CA ARG A 141 10.44 -30.06 11.32
C ARG A 141 10.19 -30.97 10.12
N ASP A 142 9.66 -32.17 10.35
CA ASP A 142 9.38 -33.14 9.29
C ASP A 142 8.17 -32.80 8.43
N GLU A 143 7.24 -31.99 8.96
CA GLU A 143 6.03 -31.56 8.26
C GLU A 143 6.34 -30.61 7.10
N TYR A 144 7.34 -29.73 7.25
CA TYR A 144 7.66 -28.78 6.17
C TYR A 144 8.93 -29.15 5.39
N LEU A 145 9.75 -30.08 5.89
CA LEU A 145 10.98 -30.50 5.22
C LEU A 145 10.76 -31.06 3.83
N VAL A 146 9.54 -31.51 3.51
CA VAL A 146 9.20 -32.04 2.20
C VAL A 146 9.04 -30.92 1.14
N PHE A 147 8.80 -29.67 1.58
CA PHE A 147 8.63 -28.49 0.72
C PHE A 147 9.93 -27.66 0.60
N CYS A 148 11.06 -28.19 1.11
CA CYS A 148 12.32 -27.49 1.15
C CYS A 148 13.40 -28.26 0.44
N PRO A 149 14.37 -27.55 -0.18
CA PRO A 149 15.53 -28.26 -0.75
C PRO A 149 16.34 -28.87 0.39
N GLN A 150 16.82 -30.10 0.19
CA GLN A 150 17.60 -30.78 1.21
C GLN A 150 19.04 -30.25 1.24
N GLU A 151 19.59 -29.90 0.07
CA GLU A 151 20.93 -29.28 -0.02
C GLU A 151 20.74 -27.77 0.17
N PRO A 152 21.70 -27.10 0.85
CA PRO A 152 21.54 -25.65 1.05
C PRO A 152 21.48 -24.83 -0.23
N ARG A 153 20.55 -23.87 -0.28
CA ARG A 153 20.36 -22.95 -1.39
C ARG A 153 20.17 -21.57 -0.79
N LEU A 154 21.26 -20.80 -0.73
CA LEU A 154 21.24 -19.48 -0.11
C LEU A 154 21.29 -18.36 -1.10
N ALA A 155 20.40 -17.37 -0.98
CA ALA A 155 20.46 -16.20 -1.85
C ALA A 155 21.73 -15.37 -1.54
N PHE A 156 22.22 -15.42 -0.30
CA PHE A 156 23.43 -14.76 0.14
C PHE A 156 24.46 -15.81 0.55
N PRO A 157 25.17 -16.42 -0.41
CA PRO A 157 26.13 -17.46 -0.05
C PRO A 157 27.44 -16.94 0.56
N GLU A 158 28.07 -15.93 -0.07
CA GLU A 158 29.36 -15.32 0.29
C GLU A 158 29.92 -15.65 1.70
N GLU A 159 31.25 -15.94 1.78
CA GLU A 159 31.93 -16.29 3.03
C GLU A 159 31.90 -15.17 4.09
N ASN A 160 31.59 -13.93 3.68
CA ASN A 160 31.48 -12.79 4.60
C ASN A 160 30.32 -11.88 4.17
N ASN A 161 29.10 -12.45 4.11
CA ASN A 161 27.93 -11.68 3.69
C ASN A 161 27.45 -10.71 4.77
N ARG A 162 26.76 -9.63 4.36
CA ARG A 162 26.28 -8.63 5.31
C ARG A 162 24.92 -8.94 5.96
N SER A 163 24.37 -10.15 5.72
CA SER A 163 23.09 -10.58 6.32
C SER A 163 23.21 -11.32 7.66
N LEU A 164 24.46 -11.50 8.16
CA LEU A 164 24.75 -12.21 9.42
C LEU A 164 25.58 -11.35 10.39
N LYS A 165 25.43 -10.03 10.33
CA LYS A 165 26.20 -9.13 11.20
C LYS A 165 25.40 -8.75 12.43
N LYS A 166 26.05 -8.66 13.60
CA LYS A 166 25.37 -8.25 14.82
C LYS A 166 25.13 -6.72 14.81
N ILE A 167 23.85 -6.28 14.88
CA ILE A 167 23.57 -4.84 14.87
C ILE A 167 23.63 -4.24 16.28
N PRO A 168 24.48 -3.21 16.48
CA PRO A 168 24.53 -2.56 17.80
C PRO A 168 23.32 -1.68 18.09
N LYS A 169 23.18 -1.22 19.35
CA LYS A 169 22.07 -0.36 19.74
C LYS A 169 22.47 1.10 19.58
N LEU A 170 21.55 1.92 19.05
CA LEU A 170 21.79 3.33 18.81
C LEU A 170 21.92 4.07 20.13
N GLU A 171 23.01 4.82 20.27
CA GLU A 171 23.27 5.60 21.47
C GLU A 171 22.62 6.97 21.38
N ASP A 172 22.16 7.49 22.52
CA ASP A 172 21.53 8.81 22.57
C ASP A 172 22.60 9.87 22.84
N PRO A 173 22.52 11.05 22.18
CA PRO A 173 21.48 11.47 21.23
C PRO A 173 21.64 10.96 19.80
N ALA A 174 20.51 10.68 19.14
CA ALA A 174 20.52 10.26 17.74
C ALA A 174 20.78 11.47 16.85
N GLN A 175 21.42 11.25 15.68
CA GLN A 175 21.73 12.36 14.78
C GLN A 175 20.44 12.93 14.18
N TYR A 176 19.54 12.02 13.77
CA TYR A 176 18.25 12.35 13.18
C TYR A 176 17.11 11.63 13.92
N SER A 177 15.88 12.10 13.77
CA SER A 177 14.72 11.50 14.42
C SER A 177 13.39 11.89 13.76
N MET A 178 12.40 10.99 13.85
CA MET A 178 11.05 11.25 13.40
C MET A 178 10.18 10.68 14.53
N ILE A 179 9.47 11.55 15.22
CA ILE A 179 8.73 11.32 16.47
C ILE A 179 7.22 11.29 16.27
N GLY A 180 6.52 10.50 17.07
CA GLY A 180 5.07 10.47 17.04
C GLY A 180 4.45 9.62 15.97
N LEU A 181 5.17 8.58 15.52
CA LEU A 181 4.70 7.68 14.46
C LEU A 181 3.72 6.61 14.97
N LYS A 182 2.49 6.61 14.45
CA LYS A 182 1.46 5.64 14.86
C LYS A 182 0.81 5.01 13.64
N PRO A 183 0.54 3.69 13.66
CA PRO A 183 -0.07 3.05 12.49
C PRO A 183 -1.57 3.33 12.31
N ARG A 184 -2.03 3.33 11.07
CA ARG A 184 -3.47 3.44 10.77
C ARG A 184 -4.02 2.05 10.38
N ARG A 185 -5.32 1.93 10.05
CA ARG A 185 -5.89 0.61 9.70
C ARG A 185 -5.26 0.02 8.44
N ALA A 186 -4.78 0.88 7.51
CA ALA A 186 -4.08 0.45 6.29
C ALA A 186 -2.72 -0.20 6.62
N ASP A 187 -2.12 0.13 7.77
CA ASP A 187 -0.84 -0.45 8.22
C ASP A 187 -1.05 -1.83 8.91
N LEU A 188 -2.30 -2.22 9.19
CA LEU A 188 -2.63 -3.49 9.83
C LEU A 188 -2.86 -4.57 8.80
N ASP A 189 -2.67 -5.84 9.20
CA ASP A 189 -2.85 -7.00 8.32
C ASP A 189 -4.27 -7.63 8.51
N MET A 190 -4.51 -8.83 7.94
CA MET A 190 -5.80 -9.53 8.06
C MET A 190 -6.07 -10.04 9.49
N ASN A 191 -5.05 -10.09 10.36
CA ASN A 191 -5.18 -10.50 11.77
C ASN A 191 -5.12 -9.31 12.75
N GLN A 192 -5.14 -8.06 12.23
CA GLN A 192 -5.12 -6.77 12.92
C GLN A 192 -3.76 -6.43 13.56
N HIS A 193 -2.69 -7.13 13.16
CA HIS A 193 -1.34 -6.84 13.63
C HIS A 193 -0.67 -5.87 12.67
N VAL A 194 0.28 -5.04 13.15
CA VAL A 194 1.00 -4.11 12.29
C VAL A 194 1.88 -4.89 11.32
N ASN A 195 1.73 -4.61 10.02
CA ASN A 195 2.45 -5.25 8.94
C ASN A 195 3.95 -5.07 9.14
N ASN A 196 4.76 -6.14 8.99
CA ASN A 196 6.22 -6.02 9.16
C ASN A 196 6.86 -5.01 8.20
N VAL A 197 6.18 -4.70 7.09
CA VAL A 197 6.66 -3.76 6.08
C VAL A 197 6.64 -2.33 6.60
N THR A 198 5.67 -2.01 7.52
CA THR A 198 5.48 -0.68 8.15
C THR A 198 6.70 -0.27 8.96
N TYR A 199 7.37 -1.24 9.61
CA TYR A 199 8.59 -0.96 10.37
C TYR A 199 9.73 -0.49 9.48
N ILE A 200 9.77 -0.96 8.22
CA ILE A 200 10.77 -0.53 7.25
C ILE A 200 10.52 0.95 6.91
N GLY A 201 9.25 1.31 6.67
CA GLY A 201 8.86 2.67 6.36
C GLY A 201 9.11 3.63 7.49
N TRP A 202 8.90 3.16 8.73
CA TRP A 202 9.14 3.93 9.95
C TRP A 202 10.64 4.09 10.19
N VAL A 203 11.46 3.06 9.90
CA VAL A 203 12.92 3.16 10.03
C VAL A 203 13.48 4.28 9.10
N LEU A 204 13.04 4.30 7.84
CA LEU A 204 13.48 5.27 6.85
C LEU A 204 12.88 6.66 7.02
N GLU A 205 11.92 6.84 7.93
CA GLU A 205 11.31 8.15 8.22
C GLU A 205 12.30 9.14 8.85
N SER A 206 13.28 8.62 9.59
CA SER A 206 14.31 9.42 10.24
C SER A 206 15.50 9.74 9.33
N ILE A 207 15.62 9.10 8.14
CA ILE A 207 16.67 9.39 7.15
C ILE A 207 16.32 10.77 6.57
N PRO A 208 17.28 11.71 6.46
CA PRO A 208 16.96 13.04 5.93
C PRO A 208 16.55 13.04 4.46
N GLN A 209 15.63 13.94 4.09
CA GLN A 209 15.14 14.02 2.71
C GLN A 209 16.27 14.23 1.70
N GLU A 210 17.30 15.01 2.04
CA GLU A 210 18.44 15.25 1.13
C GLU A 210 19.20 13.97 0.84
N ILE A 211 19.29 13.05 1.81
CA ILE A 211 19.95 11.78 1.61
C ILE A 211 19.14 10.95 0.62
N VAL A 212 17.83 10.89 0.81
CA VAL A 212 16.93 10.14 -0.06
C VAL A 212 16.92 10.71 -1.49
N ASP A 213 16.95 12.04 -1.63
CA ASP A 213 16.95 12.75 -2.92
C ASP A 213 18.24 12.55 -3.75
N THR A 214 19.39 12.38 -3.09
CA THR A 214 20.67 12.24 -3.77
C THR A 214 21.27 10.84 -3.72
N HIS A 215 20.66 9.90 -2.98
CA HIS A 215 21.19 8.54 -2.89
C HIS A 215 20.11 7.50 -3.16
N GLU A 216 20.54 6.27 -3.51
CA GLU A 216 19.65 5.11 -3.70
C GLU A 216 19.87 4.14 -2.56
N LEU A 217 18.80 3.57 -1.99
CA LEU A 217 18.94 2.59 -0.90
C LEU A 217 19.45 1.27 -1.51
N GLN A 218 20.65 0.84 -1.14
CA GLN A 218 21.25 -0.39 -1.66
C GLN A 218 21.00 -1.60 -0.73
N VAL A 219 21.26 -1.49 0.58
CA VAL A 219 21.06 -2.57 1.55
C VAL A 219 20.24 -2.09 2.76
N ILE A 220 19.46 -2.99 3.36
CA ILE A 220 18.70 -2.73 4.59
C ILE A 220 18.65 -4.01 5.41
N THR A 221 19.08 -3.95 6.66
CA THR A 221 19.03 -5.10 7.55
C THR A 221 18.21 -4.66 8.76
N LEU A 222 17.18 -5.42 9.09
CA LEU A 222 16.27 -5.04 10.17
C LEU A 222 15.95 -6.18 11.15
N ASP A 223 16.27 -6.01 12.43
CA ASP A 223 16.01 -7.00 13.47
C ASP A 223 14.75 -6.64 14.22
N TYR A 224 13.79 -7.56 14.28
CA TYR A 224 12.51 -7.38 14.94
C TYR A 224 12.60 -7.85 16.39
N ARG A 225 12.43 -6.93 17.35
CA ARG A 225 12.55 -7.27 18.76
C ARG A 225 11.22 -7.42 19.47
N ARG A 226 10.21 -6.65 19.03
CA ARG A 226 8.88 -6.63 19.65
C ARG A 226 7.86 -6.01 18.70
N GLU A 227 6.61 -6.47 18.74
CA GLU A 227 5.60 -5.91 17.87
C GLU A 227 4.99 -4.67 18.47
N CYS A 228 4.68 -3.70 17.62
CA CYS A 228 4.07 -2.44 17.96
C CYS A 228 2.57 -2.65 17.85
N GLN A 229 1.85 -2.46 18.97
CA GLN A 229 0.40 -2.60 18.97
C GLN A 229 -0.25 -1.45 18.19
N GLN A 230 -1.53 -1.61 17.81
CA GLN A 230 -2.27 -0.59 17.08
C GLN A 230 -2.31 0.75 17.89
N ASP A 231 -2.49 0.65 19.20
CA ASP A 231 -2.57 1.83 20.07
C ASP A 231 -1.21 2.32 20.62
N ASP A 232 -0.09 1.91 19.99
CA ASP A 232 1.25 2.32 20.41
C ASP A 232 1.78 3.46 19.51
N VAL A 233 2.74 4.24 20.03
CA VAL A 233 3.39 5.34 19.31
C VAL A 233 4.89 5.06 19.31
N VAL A 234 5.52 5.22 18.13
CA VAL A 234 6.94 4.92 17.87
C VAL A 234 7.77 6.17 17.57
N ASP A 235 9.04 6.14 17.99
CA ASP A 235 10.06 7.14 17.69
C ASP A 235 11.11 6.46 16.81
N SER A 236 11.45 7.07 15.66
CA SER A 236 12.45 6.53 14.75
C SER A 236 13.74 7.32 14.89
N LEU A 237 14.87 6.68 15.24
CA LEU A 237 16.15 7.35 15.43
C LEU A 237 17.22 6.90 14.42
N THR A 238 18.14 7.79 14.00
CA THR A 238 19.18 7.48 13.01
C THR A 238 20.50 8.23 13.30
N THR A 239 21.67 7.62 12.96
CA THR A 239 23.00 8.23 13.09
C THR A 239 23.90 7.71 11.96
N THR A 240 24.59 8.61 11.24
CA THR A 240 25.52 8.20 10.18
C THR A 240 26.73 7.50 10.82
N THR A 241 27.10 6.33 10.32
CA THR A 241 28.22 5.58 10.88
C THR A 241 29.31 5.38 9.85
N SER A 242 29.59 6.41 9.04
CA SER A 242 30.63 6.31 8.00
C SER A 242 31.50 7.59 7.90
N ASN A 259 31.59 8.06 -1.34
CA ASN A 259 30.59 7.64 -2.32
C ASN A 259 29.46 6.74 -1.73
N ASP A 260 29.61 6.30 -0.46
CA ASP A 260 28.58 5.50 0.20
C ASP A 260 28.13 6.13 1.53
N SER A 261 27.00 5.67 2.08
CA SER A 261 26.48 6.19 3.35
C SER A 261 25.89 5.07 4.22
N GLN A 262 26.36 4.97 5.46
CA GLN A 262 25.87 3.97 6.40
C GLN A 262 25.12 4.63 7.53
N PHE A 263 24.04 3.99 7.96
CA PHE A 263 23.23 4.52 9.03
C PHE A 263 22.90 3.44 10.04
N LEU A 264 22.82 3.82 11.30
CA LEU A 264 22.39 2.92 12.37
C LEU A 264 21.01 3.42 12.79
N HIS A 265 20.05 2.51 12.94
CA HIS A 265 18.66 2.85 13.22
C HIS A 265 18.14 2.27 14.53
N LEU A 266 17.04 2.84 15.05
CA LEU A 266 16.42 2.34 16.26
C LEU A 266 14.96 2.80 16.36
N LEU A 267 14.01 1.86 16.44
CA LEU A 267 12.62 2.20 16.64
C LEU A 267 12.33 1.89 18.09
N ARG A 268 11.66 2.79 18.80
CA ARG A 268 11.30 2.55 20.19
C ARG A 268 9.98 3.19 20.56
N LEU A 269 9.32 2.68 21.61
CA LEU A 269 8.04 3.26 22.04
C LEU A 269 8.24 4.63 22.63
N SER A 270 7.47 5.63 22.12
CA SER A 270 7.54 7.04 22.52
C SER A 270 7.50 7.28 24.02
N GLY A 271 6.80 6.41 24.72
CA GLY A 271 6.70 6.51 26.17
C GLY A 271 7.92 6.00 26.88
N ASP A 272 7.85 4.76 27.38
CA ASP A 272 8.91 4.10 28.16
C ASP A 272 10.23 3.89 27.41
N GLY A 273 10.26 4.08 26.09
CA GLY A 273 11.48 3.89 25.32
C GLY A 273 11.81 2.43 25.12
N GLN A 274 10.77 1.58 25.04
CA GLN A 274 10.90 0.14 24.82
C GLN A 274 11.33 -0.14 23.39
N GLU A 275 12.41 -0.92 23.22
CA GLU A 275 12.93 -1.25 21.90
C GLU A 275 12.02 -2.19 21.15
N ILE A 276 11.72 -1.84 19.90
CA ILE A 276 10.88 -2.69 19.07
C ILE A 276 11.67 -3.15 17.81
N ASN A 277 12.62 -2.32 17.33
CA ASN A 277 13.44 -2.61 16.15
C ASN A 277 14.80 -1.91 16.20
N ARG A 278 15.76 -2.49 15.51
CA ARG A 278 17.10 -1.96 15.29
C ARG A 278 17.60 -2.40 13.91
N GLY A 279 18.35 -1.53 13.24
CA GLY A 279 18.82 -1.85 11.90
C GLY A 279 19.95 -1.01 11.39
N THR A 280 20.31 -1.25 10.13
CA THR A 280 21.36 -0.53 9.40
C THR A 280 20.96 -0.46 7.92
N THR A 281 21.14 0.71 7.31
CA THR A 281 20.89 0.86 5.87
C THR A 281 22.17 1.31 5.19
N LEU A 282 22.28 1.06 3.90
CA LEU A 282 23.46 1.46 3.13
C LEU A 282 22.97 2.13 1.86
N TRP A 283 23.47 3.32 1.59
CA TRP A 283 23.04 4.09 0.42
C TRP A 283 24.22 4.39 -0.49
N ARG A 284 23.99 4.41 -1.81
CA ARG A 284 25.04 4.78 -2.76
C ARG A 284 24.65 6.03 -3.53
N LYS A 285 25.63 6.86 -3.88
CA LYS A 285 25.36 8.10 -4.61
C LYS A 285 24.80 7.78 -5.99
N LYS A 286 23.80 8.54 -6.48
CA LYS A 286 23.15 8.25 -7.76
C LYS A 286 24.08 8.34 -9.00
N GLY B 2 -4.72 -5.47 -19.13
CA GLY B 2 -5.21 -4.13 -19.40
C GLY B 2 -5.24 -3.80 -20.87
N SER B 3 -6.39 -3.29 -21.35
CA SER B 3 -6.53 -2.90 -22.74
C SER B 3 -7.76 -2.05 -22.96
N LEU B 4 -7.72 -1.19 -24.00
CA LEU B 4 -8.86 -0.37 -24.39
C LEU B 4 -9.91 -1.32 -25.00
N THR B 5 -11.20 -1.04 -24.78
CA THR B 5 -12.26 -1.86 -25.39
C THR B 5 -12.28 -1.61 -26.90
N GLU B 6 -12.96 -2.45 -27.67
CA GLU B 6 -13.03 -2.37 -29.13
C GLU B 6 -13.24 -0.97 -29.70
N ASP B 7 -14.09 -0.15 -29.07
CA ASP B 7 -14.35 1.20 -29.57
C ASP B 7 -13.28 2.23 -29.20
N GLY B 8 -12.37 1.91 -28.28
CA GLY B 8 -11.31 2.82 -27.83
C GLY B 8 -11.81 3.93 -26.94
N LEU B 9 -13.07 3.84 -26.46
CA LEU B 9 -13.70 4.85 -25.63
C LEU B 9 -13.85 4.47 -24.16
N SER B 10 -13.16 3.40 -23.73
CA SER B 10 -13.08 2.87 -22.35
C SER B 10 -11.91 1.87 -22.22
N TYR B 11 -11.53 1.55 -20.97
CA TYR B 11 -10.39 0.67 -20.71
C TYR B 11 -10.76 -0.38 -19.67
N LYS B 12 -10.29 -1.63 -19.84
CA LYS B 12 -10.57 -2.67 -18.85
C LYS B 12 -9.27 -3.28 -18.30
N GLU B 13 -9.31 -3.74 -17.04
CA GLU B 13 -8.15 -4.37 -16.40
C GLU B 13 -8.53 -5.33 -15.28
N LYS B 14 -7.93 -6.55 -15.27
CA LYS B 14 -8.18 -7.52 -14.21
C LYS B 14 -7.10 -7.42 -13.13
N PHE B 15 -7.50 -7.59 -11.85
CA PHE B 15 -6.58 -7.49 -10.71
C PHE B 15 -6.82 -8.65 -9.76
N VAL B 16 -5.80 -9.42 -9.42
CA VAL B 16 -5.93 -10.49 -8.42
C VAL B 16 -5.71 -9.82 -7.10
N VAL B 17 -6.60 -10.00 -6.12
CA VAL B 17 -6.46 -9.34 -4.81
C VAL B 17 -5.30 -9.97 -4.01
N ARG B 18 -4.40 -9.13 -3.47
CA ARG B 18 -3.19 -9.54 -2.74
C ARG B 18 -3.37 -9.69 -1.23
N SER B 19 -2.50 -10.50 -0.60
CA SER B 19 -2.55 -10.77 0.83
C SER B 19 -2.56 -9.53 1.68
N TYR B 20 -1.63 -8.57 1.42
CA TYR B 20 -1.53 -7.34 2.20
C TYR B 20 -2.62 -6.28 1.86
N GLU B 21 -3.49 -6.58 0.89
CA GLU B 21 -4.53 -5.66 0.46
C GLU B 21 -5.87 -5.86 1.17
N VAL B 22 -6.01 -6.93 2.00
CA VAL B 22 -7.28 -7.24 2.67
C VAL B 22 -7.32 -6.85 4.16
N GLY B 23 -8.53 -6.70 4.69
CA GLY B 23 -8.75 -6.36 6.10
C GLY B 23 -8.96 -7.59 6.97
N SER B 24 -9.52 -7.41 8.18
CA SER B 24 -9.75 -8.54 9.10
C SER B 24 -10.78 -9.56 8.59
N ASN B 25 -11.70 -9.13 7.72
CA ASN B 25 -12.70 -10.02 7.12
C ASN B 25 -12.22 -10.69 5.80
N LYS B 26 -10.90 -10.66 5.53
CA LYS B 26 -10.22 -11.25 4.37
C LYS B 26 -10.75 -10.80 3.01
N THR B 27 -11.36 -9.61 2.95
CA THR B 27 -11.79 -8.98 1.72
C THR B 27 -11.01 -7.67 1.56
N ALA B 28 -10.74 -7.25 0.31
CA ALA B 28 -9.99 -6.03 0.00
C ALA B 28 -10.53 -4.80 0.72
N THR B 29 -9.66 -3.89 1.16
CA THR B 29 -10.11 -2.67 1.84
C THR B 29 -10.53 -1.60 0.82
N VAL B 30 -11.31 -0.61 1.25
CA VAL B 30 -11.73 0.49 0.36
C VAL B 30 -10.52 1.25 -0.17
N GLU B 31 -9.40 1.27 0.58
CA GLU B 31 -8.18 1.92 0.12
C GLU B 31 -7.51 1.10 -0.99
N THR B 32 -7.65 -0.25 -0.96
CA THR B 32 -7.14 -1.10 -2.05
C THR B 32 -7.99 -0.86 -3.28
N ILE B 33 -9.33 -0.82 -3.14
CA ILE B 33 -10.22 -0.51 -4.25
C ILE B 33 -9.87 0.86 -4.86
N ALA B 34 -9.74 1.89 -4.01
CA ALA B 34 -9.38 3.25 -4.44
C ALA B 34 -8.05 3.30 -5.21
N ASN B 35 -7.08 2.47 -4.81
CA ASN B 35 -5.77 2.35 -5.44
C ASN B 35 -5.91 1.70 -6.80
N LEU B 36 -6.75 0.65 -6.90
CA LEU B 36 -7.02 -0.04 -8.16
C LEU B 36 -7.75 0.87 -9.15
N LEU B 37 -8.67 1.74 -8.68
CA LEU B 37 -9.35 2.68 -9.56
C LEU B 37 -8.36 3.67 -10.16
N GLN B 38 -7.38 4.10 -9.36
CA GLN B 38 -6.36 5.04 -9.78
C GLN B 38 -5.41 4.38 -10.81
N GLU B 39 -5.06 3.12 -10.56
CA GLU B 39 -4.15 2.38 -11.42
C GLU B 39 -4.75 2.16 -12.79
N VAL B 40 -6.03 1.82 -12.87
CA VAL B 40 -6.70 1.61 -14.14
C VAL B 40 -6.85 2.95 -14.90
N GLY B 41 -7.13 4.04 -14.19
CA GLY B 41 -7.21 5.38 -14.76
C GLY B 41 -5.87 5.87 -15.31
N CYS B 42 -4.76 5.47 -14.65
CA CYS B 42 -3.41 5.78 -15.10
C CYS B 42 -3.14 5.03 -16.39
N ASN B 43 -3.41 3.72 -16.42
CA ASN B 43 -3.17 2.88 -17.60
C ASN B 43 -4.00 3.32 -18.81
N HIS B 44 -5.26 3.75 -18.59
CA HIS B 44 -6.13 4.24 -19.66
C HIS B 44 -5.50 5.48 -20.31
N ALA B 45 -4.98 6.41 -19.50
CA ALA B 45 -4.33 7.63 -19.98
C ALA B 45 -3.07 7.33 -20.81
N GLN B 46 -2.30 6.31 -20.41
CA GLN B 46 -1.09 5.92 -21.09
C GLN B 46 -1.41 5.25 -22.41
N SER B 47 -2.42 4.37 -22.43
CA SER B 47 -2.80 3.66 -23.65
C SER B 47 -3.31 4.59 -24.76
N VAL B 48 -3.83 5.77 -24.40
CA VAL B 48 -4.32 6.72 -25.41
C VAL B 48 -3.31 7.83 -25.75
N GLY B 49 -2.13 7.79 -25.13
CA GLY B 49 -1.08 8.74 -25.47
C GLY B 49 -0.84 9.87 -24.51
N PHE B 50 -0.82 9.60 -23.20
CA PHE B 50 -0.51 10.63 -22.22
C PHE B 50 0.71 10.20 -21.42
N SER B 51 1.78 10.98 -21.44
CA SER B 51 3.02 10.65 -20.75
C SER B 51 2.95 10.85 -19.22
N THR B 52 3.93 10.25 -18.50
CA THR B 52 4.10 10.28 -17.04
C THR B 52 3.83 11.64 -16.40
N THR B 57 -2.15 14.77 -18.71
CA THR B 57 -2.12 16.10 -19.30
C THR B 57 -1.90 16.06 -20.80
N THR B 58 -2.57 16.96 -21.51
CA THR B 58 -2.45 17.06 -22.96
C THR B 58 -1.22 17.93 -23.34
N THR B 59 -0.95 18.13 -24.64
CA THR B 59 0.17 18.94 -25.08
C THR B 59 -0.04 20.39 -24.68
N THR B 60 -1.28 20.89 -24.83
CA THR B 60 -1.57 22.28 -24.45
C THR B 60 -1.42 22.45 -22.93
N MET B 61 -1.89 21.47 -22.15
CA MET B 61 -1.78 21.52 -20.69
C MET B 61 -0.34 21.63 -20.18
N ARG B 62 0.64 21.00 -20.83
CA ARG B 62 2.03 21.08 -20.39
C ARG B 62 2.66 22.41 -20.80
N LYS B 63 2.31 22.90 -22.00
CA LYS B 63 2.83 24.15 -22.53
C LYS B 63 2.52 25.32 -21.60
N LEU B 64 1.31 25.32 -21.00
CA LEU B 64 0.96 26.38 -20.08
C LEU B 64 1.57 26.09 -18.70
N HIS B 65 0.99 25.12 -17.96
CA HIS B 65 1.35 24.61 -16.63
C HIS B 65 0.07 24.15 -15.91
N LEU B 66 -0.81 23.45 -16.63
CA LEU B 66 -2.08 22.99 -16.07
C LEU B 66 -2.06 21.56 -15.60
N ILE B 67 -2.81 21.28 -14.54
CA ILE B 67 -2.96 19.93 -14.01
C ILE B 67 -4.45 19.62 -13.75
N TRP B 68 -4.78 18.34 -13.61
CA TRP B 68 -6.14 17.93 -13.29
C TRP B 68 -6.12 17.58 -11.81
N VAL B 69 -6.97 18.21 -11.01
CA VAL B 69 -7.03 17.91 -9.59
C VAL B 69 -8.40 17.34 -9.21
N THR B 70 -8.45 16.34 -8.29
CA THR B 70 -9.73 15.76 -7.86
C THR B 70 -10.49 16.74 -6.98
N ALA B 71 -11.75 16.98 -7.32
CA ALA B 71 -12.64 17.83 -6.54
C ALA B 71 -13.60 16.95 -5.71
N ARG B 72 -13.95 15.76 -6.21
CA ARG B 72 -14.89 14.86 -5.55
C ARG B 72 -14.65 13.41 -5.94
N MET B 73 -14.86 12.50 -5.00
CA MET B 73 -14.73 11.06 -5.18
C MET B 73 -15.97 10.42 -4.55
N HIS B 74 -16.64 9.51 -5.27
CA HIS B 74 -17.81 8.83 -4.73
C HIS B 74 -17.69 7.34 -5.05
N ILE B 75 -17.69 6.46 -4.03
CA ILE B 75 -17.53 5.03 -4.23
C ILE B 75 -18.63 4.22 -3.56
N GLU B 76 -19.32 3.35 -4.32
N GLU B 76 -19.31 3.34 -4.33
N GLU B 76 -19.32 3.35 -4.32
CA GLU B 76 -20.36 2.50 -3.75
CA GLU B 76 -20.35 2.47 -3.80
CA GLU B 76 -20.36 2.50 -3.75
C GLU B 76 -19.99 1.03 -3.99
C GLU B 76 -19.94 1.03 -3.99
C GLU B 76 -19.99 1.03 -3.99
N ILE B 77 -19.80 0.26 -2.91
CA ILE B 77 -19.42 -1.14 -3.01
C ILE B 77 -20.55 -2.04 -2.56
N TYR B 78 -20.87 -3.09 -3.33
CA TYR B 78 -21.90 -4.09 -2.94
C TYR B 78 -21.23 -5.35 -2.40
N LYS B 79 -20.02 -5.67 -2.87
CA LYS B 79 -19.29 -6.86 -2.45
C LYS B 79 -17.80 -6.61 -2.61
N TYR B 80 -17.03 -6.71 -1.53
CA TYR B 80 -15.59 -6.51 -1.61
C TYR B 80 -14.93 -7.77 -2.12
N PRO B 81 -14.05 -7.68 -3.14
CA PRO B 81 -13.38 -8.90 -3.63
C PRO B 81 -12.53 -9.53 -2.53
N ALA B 82 -12.67 -10.84 -2.32
CA ALA B 82 -11.90 -11.54 -1.30
C ALA B 82 -10.45 -11.77 -1.77
N TRP B 83 -9.53 -11.99 -0.81
CA TRP B 83 -8.12 -12.27 -1.10
C TRP B 83 -8.00 -13.47 -2.05
N GLY B 84 -7.37 -13.25 -3.19
CA GLY B 84 -7.22 -14.29 -4.20
C GLY B 84 -8.19 -14.19 -5.37
N ASP B 85 -9.25 -13.39 -5.21
CA ASP B 85 -10.25 -13.22 -6.26
C ASP B 85 -9.74 -12.28 -7.34
N VAL B 86 -10.27 -12.39 -8.54
CA VAL B 86 -9.92 -11.49 -9.64
C VAL B 86 -11.08 -10.50 -9.78
N VAL B 87 -10.75 -9.22 -9.87
CA VAL B 87 -11.75 -8.17 -10.04
C VAL B 87 -11.48 -7.44 -11.34
N GLU B 88 -12.51 -7.25 -12.19
CA GLU B 88 -12.31 -6.52 -13.44
C GLU B 88 -12.87 -5.11 -13.34
N ILE B 89 -12.05 -4.10 -13.65
CA ILE B 89 -12.49 -2.70 -13.58
C ILE B 89 -12.52 -2.04 -14.95
N GLU B 90 -13.66 -1.45 -15.31
CA GLU B 90 -13.78 -0.72 -16.55
C GLU B 90 -13.91 0.77 -16.25
N THR B 91 -13.06 1.60 -16.86
CA THR B 91 -13.06 3.02 -16.63
C THR B 91 -13.22 3.85 -17.93
N TRP B 92 -13.64 5.10 -17.79
CA TRP B 92 -13.83 6.01 -18.93
C TRP B 92 -13.99 7.44 -18.46
N CYS B 93 -13.71 8.40 -19.34
CA CYS B 93 -13.85 9.82 -19.04
C CYS B 93 -14.87 10.50 -19.88
N GLN B 94 -15.35 11.65 -19.43
CA GLN B 94 -16.30 12.45 -20.18
C GLN B 94 -16.13 13.92 -19.83
N SER B 95 -16.50 14.83 -20.75
CA SER B 95 -16.40 16.27 -20.50
C SER B 95 -17.67 16.72 -19.79
N GLU B 96 -17.54 17.39 -18.63
CA GLU B 96 -18.71 17.93 -17.95
C GLU B 96 -18.77 19.41 -18.26
N GLY B 97 -18.80 19.72 -19.56
CA GLY B 97 -18.85 21.07 -20.09
C GLY B 97 -17.57 21.83 -19.83
N ARG B 98 -17.68 23.17 -19.67
CA ARG B 98 -16.50 23.96 -19.32
C ARG B 98 -16.33 24.05 -17.78
N ILE B 99 -16.89 23.08 -17.04
CA ILE B 99 -16.75 22.97 -15.58
C ILE B 99 -15.47 22.12 -15.36
N GLY B 100 -15.39 20.98 -16.02
CA GLY B 100 -14.24 20.10 -15.88
C GLY B 100 -14.42 18.76 -16.57
N THR B 101 -13.89 17.72 -15.94
CA THR B 101 -13.91 16.38 -16.47
C THR B 101 -14.39 15.37 -15.41
N ARG B 102 -15.11 14.32 -15.83
CA ARG B 102 -15.61 13.30 -14.92
C ARG B 102 -15.01 11.93 -15.31
N ARG B 103 -14.58 11.11 -14.33
CA ARG B 103 -14.11 9.76 -14.66
C ARG B 103 -14.97 8.76 -13.90
N ASP B 104 -15.46 7.70 -14.59
CA ASP B 104 -16.29 6.69 -13.95
C ASP B 104 -15.66 5.30 -13.97
N TRP B 105 -16.06 4.43 -13.03
CA TRP B 105 -15.57 3.05 -12.95
C TRP B 105 -16.73 2.11 -12.66
N ILE B 106 -16.57 0.85 -13.07
CA ILE B 106 -17.49 -0.22 -12.78
C ILE B 106 -16.60 -1.38 -12.35
N LEU B 107 -16.88 -1.96 -11.18
N LEU B 107 -16.88 -1.96 -11.19
N LEU B 107 -16.88 -1.96 -11.18
CA LEU B 107 -16.13 -3.09 -10.66
CA LEU B 107 -16.13 -3.09 -10.66
CA LEU B 107 -16.13 -3.09 -10.66
C LEU B 107 -16.96 -4.34 -10.87
C LEU B 107 -16.97 -4.33 -10.88
C LEU B 107 -16.96 -4.34 -10.87
N LYS B 108 -16.37 -5.39 -11.41
CA LYS B 108 -17.08 -6.64 -11.68
C LYS B 108 -16.31 -7.85 -11.20
N ASP B 109 -17.02 -8.96 -11.04
CA ASP B 109 -16.40 -10.21 -10.64
C ASP B 109 -15.97 -10.91 -11.93
N SER B 110 -14.72 -11.36 -11.99
CA SER B 110 -14.20 -12.05 -13.18
C SER B 110 -14.94 -13.39 -13.42
N VAL B 111 -15.38 -14.06 -12.33
CA VAL B 111 -16.03 -15.35 -12.48
C VAL B 111 -17.54 -15.23 -12.80
N THR B 112 -18.28 -14.44 -12.01
CA THR B 112 -19.73 -14.30 -12.20
C THR B 112 -20.12 -13.23 -13.25
N GLY B 113 -19.31 -12.19 -13.38
CA GLY B 113 -19.60 -11.09 -14.29
C GLY B 113 -20.57 -10.06 -13.73
N GLU B 114 -20.89 -10.16 -12.42
CA GLU B 114 -21.83 -9.26 -11.75
C GLU B 114 -21.12 -7.98 -11.29
N VAL B 115 -21.86 -6.86 -11.26
CA VAL B 115 -21.29 -5.60 -10.79
C VAL B 115 -21.19 -5.63 -9.28
N THR B 116 -19.97 -5.65 -8.73
CA THR B 116 -19.76 -5.68 -7.28
C THR B 116 -19.42 -4.30 -6.67
N GLY B 117 -19.33 -3.27 -7.49
CA GLY B 117 -19.06 -1.91 -7.05
C GLY B 117 -18.99 -0.94 -8.19
N ARG B 118 -19.00 0.35 -7.88
N ARG B 118 -18.99 0.36 -7.89
N ARG B 118 -18.98 0.36 -7.89
CA ARG B 118 -18.89 1.40 -8.90
CA ARG B 118 -18.89 1.40 -8.91
CA ARG B 118 -18.87 1.40 -8.92
C ARG B 118 -18.48 2.72 -8.30
C ARG B 118 -18.48 2.72 -8.30
C ARG B 118 -18.47 2.72 -8.30
N ALA B 119 -17.73 3.53 -9.05
CA ALA B 119 -17.25 4.83 -8.56
C ALA B 119 -17.34 5.94 -9.62
N THR B 120 -17.29 7.18 -9.17
CA THR B 120 -17.31 8.37 -10.03
C THR B 120 -16.43 9.44 -9.38
N SER B 121 -15.71 10.23 -10.19
CA SER B 121 -14.87 11.31 -9.66
C SER B 121 -14.98 12.57 -10.53
N LYS B 122 -14.95 13.75 -9.90
CA LYS B 122 -15.00 15.01 -10.65
C LYS B 122 -13.65 15.73 -10.53
N TRP B 123 -13.13 16.19 -11.65
CA TRP B 123 -11.81 16.80 -11.71
C TRP B 123 -11.88 18.21 -12.26
N VAL B 124 -11.16 19.14 -11.63
CA VAL B 124 -11.10 20.51 -12.11
C VAL B 124 -9.68 20.86 -12.62
N MET B 125 -9.55 21.89 -13.45
CA MET B 125 -8.25 22.31 -13.96
C MET B 125 -7.63 23.34 -13.05
N MET B 126 -6.32 23.25 -12.78
CA MET B 126 -5.66 24.27 -11.97
C MET B 126 -4.21 24.47 -12.40
N ASN B 127 -3.67 25.65 -12.14
CA ASN B 127 -2.28 25.95 -12.46
C ASN B 127 -1.43 25.25 -11.43
N GLN B 128 -0.46 24.44 -11.90
CA GLN B 128 0.49 23.67 -11.11
C GLN B 128 1.09 24.49 -9.97
N ASP B 129 1.53 25.73 -10.27
CA ASP B 129 2.24 26.67 -9.39
C ASP B 129 1.36 27.63 -8.58
N THR B 130 0.57 28.51 -9.23
CA THR B 130 -0.28 29.45 -8.49
C THR B 130 -1.43 28.79 -7.74
N ARG B 131 -1.76 27.55 -8.09
CA ARG B 131 -2.82 26.70 -7.56
C ARG B 131 -4.20 27.34 -7.67
N ARG B 132 -4.41 28.20 -8.69
CA ARG B 132 -5.70 28.85 -8.89
C ARG B 132 -6.69 27.83 -9.44
N LEU B 133 -7.47 28.10 -10.52
CA LEU B 133 -8.43 27.10 -10.99
C LEU B 133 -8.79 27.31 -12.46
N GLN B 134 -9.83 28.11 -12.80
CA GLN B 134 -10.25 28.34 -14.17
C GLN B 134 -10.54 27.05 -14.96
N LYS B 135 -11.32 27.17 -16.03
CA LYS B 135 -11.65 26.09 -16.93
C LYS B 135 -12.44 26.69 -18.05
N VAL B 136 -11.78 26.93 -19.19
CA VAL B 136 -12.38 27.52 -20.38
C VAL B 136 -11.88 26.67 -21.57
N SER B 137 -10.54 26.57 -21.72
CA SER B 137 -9.77 25.88 -22.75
C SER B 137 -10.58 25.04 -23.74
N ASP B 138 -10.95 25.63 -24.88
CA ASP B 138 -11.68 24.88 -25.90
C ASP B 138 -10.77 23.96 -26.69
N ASP B 139 -9.47 24.28 -26.80
CA ASP B 139 -8.53 23.37 -27.46
C ASP B 139 -8.31 22.17 -26.53
N VAL B 140 -8.24 22.39 -25.20
CA VAL B 140 -8.11 21.30 -24.24
C VAL B 140 -9.35 20.40 -24.29
N ARG B 141 -10.55 21.00 -24.47
CA ARG B 141 -11.77 20.22 -24.61
C ARG B 141 -11.69 19.36 -25.88
N ASP B 142 -11.31 19.95 -27.01
CA ASP B 142 -11.16 19.27 -28.29
C ASP B 142 -10.14 18.13 -28.30
N GLU B 143 -9.13 18.17 -27.43
CA GLU B 143 -8.12 17.11 -27.39
C GLU B 143 -8.17 16.28 -26.10
N LEU B 145 -11.67 15.08 -26.13
CA LEU B 145 -12.99 14.68 -26.59
C LEU B 145 -12.99 13.50 -27.54
N VAL B 146 -11.85 13.23 -28.19
CA VAL B 146 -11.72 12.10 -29.10
C VAL B 146 -11.58 10.75 -28.36
N PHE B 147 -11.17 10.78 -27.09
CA PHE B 147 -11.01 9.61 -26.21
C PHE B 147 -12.23 9.39 -25.28
N CYS B 148 -13.32 10.12 -25.50
CA CYS B 148 -14.51 10.06 -24.67
C CYS B 148 -15.72 9.70 -25.47
N PRO B 149 -16.69 9.00 -24.85
CA PRO B 149 -17.97 8.75 -25.55
C PRO B 149 -18.70 10.08 -25.74
N GLN B 150 -19.29 10.28 -26.90
CA GLN B 150 -20.00 11.53 -27.19
C GLN B 150 -21.37 11.55 -26.49
N GLU B 151 -22.04 10.38 -26.41
CA GLU B 151 -23.30 10.25 -25.70
C GLU B 151 -22.98 9.97 -24.23
N PRO B 152 -23.78 10.50 -23.29
CA PRO B 152 -23.48 10.28 -21.88
C PRO B 152 -23.48 8.81 -21.45
N ARG B 153 -22.48 8.43 -20.65
CA ARG B 153 -22.33 7.10 -20.10
C ARG B 153 -21.95 7.25 -18.64
N LEU B 154 -22.95 7.19 -17.75
CA LEU B 154 -22.75 7.42 -16.34
C LEU B 154 -22.81 6.16 -15.53
N ALA B 155 -21.82 5.93 -14.65
CA ALA B 155 -21.88 4.78 -13.74
C ALA B 155 -23.03 4.97 -12.72
N PHE B 156 -23.38 6.22 -12.40
CA PHE B 156 -24.47 6.56 -11.50
C PHE B 156 -25.54 7.33 -12.29
N PRO B 157 -26.40 6.62 -13.05
CA PRO B 157 -27.40 7.34 -13.85
C PRO B 157 -28.57 7.90 -13.03
N GLU B 158 -29.16 7.08 -12.15
CA GLU B 158 -30.32 7.41 -11.31
C GLU B 158 -30.42 8.89 -10.88
N GLU B 159 -31.58 9.53 -11.11
CA GLU B 159 -31.75 10.92 -10.67
C GLU B 159 -32.02 10.89 -9.16
N ASN B 160 -31.44 11.86 -8.44
CA ASN B 160 -31.50 11.96 -6.98
C ASN B 160 -30.60 10.86 -6.35
N ASN B 161 -29.40 10.69 -6.94
CA ASN B 161 -28.39 9.72 -6.48
C ASN B 161 -27.41 10.35 -5.47
N ARG B 162 -26.75 9.50 -4.69
CA ARG B 162 -25.84 9.88 -3.61
C ARG B 162 -24.58 10.68 -3.99
N SER B 163 -24.12 10.61 -5.26
CA SER B 163 -22.88 11.29 -5.71
C SER B 163 -22.99 12.78 -6.02
N LEU B 164 -24.20 13.35 -6.02
CA LEU B 164 -24.38 14.76 -6.37
C LEU B 164 -25.01 15.59 -5.22
N LYS B 165 -24.84 15.14 -3.97
CA LYS B 165 -25.43 15.82 -2.81
C LYS B 165 -24.45 16.79 -2.18
N LYS B 166 -24.93 17.96 -1.72
CA LYS B 166 -24.08 18.94 -1.06
C LYS B 166 -23.72 18.46 0.37
N ILE B 167 -22.42 18.27 0.67
CA ILE B 167 -22.01 17.83 2.01
C ILE B 167 -21.85 19.01 2.96
N PRO B 168 -22.57 19.00 4.09
CA PRO B 168 -22.41 20.08 5.07
C PRO B 168 -21.09 20.01 5.86
N LYS B 169 -20.77 21.07 6.60
CA LYS B 169 -19.56 21.11 7.41
C LYS B 169 -19.84 20.58 8.81
N LEU B 170 -18.93 19.77 9.33
CA LEU B 170 -19.06 19.17 10.65
C LEU B 170 -18.95 20.25 11.72
N GLU B 171 -19.94 20.29 12.62
CA GLU B 171 -19.97 21.25 13.70
C GLU B 171 -19.20 20.72 14.92
N ASP B 172 -18.56 21.61 15.66
CA ASP B 172 -17.82 21.26 16.86
C ASP B 172 -18.76 21.31 18.08
N PRO B 173 -18.66 20.36 19.02
CA PRO B 173 -17.71 19.23 19.05
C PRO B 173 -18.09 18.00 18.20
N ALA B 174 -17.08 17.35 17.62
CA ALA B 174 -17.30 16.14 16.85
C ALA B 174 -17.56 14.96 17.80
N GLN B 175 -18.34 13.97 17.37
CA GLN B 175 -18.64 12.82 18.22
C GLN B 175 -17.39 11.98 18.44
N TYR B 176 -16.64 11.76 17.36
CA TYR B 176 -15.40 10.98 17.35
C TYR B 176 -14.25 11.78 16.73
N SER B 177 -13.01 11.40 17.01
CA SER B 177 -11.85 12.09 16.46
C SER B 177 -10.57 11.25 16.50
N MET B 178 -9.67 11.49 15.56
CA MET B 178 -8.35 10.88 15.53
C MET B 178 -7.42 12.03 15.18
N ILE B 179 -6.61 12.47 16.14
CA ILE B 179 -5.77 13.64 15.95
C ILE B 179 -4.27 13.29 15.84
N GLY B 180 -3.51 14.18 15.21
CA GLY B 180 -2.08 14.01 15.04
C GLY B 180 -1.67 13.19 13.85
N LEU B 181 -2.52 13.10 12.84
CA LEU B 181 -2.27 12.29 11.62
C LEU B 181 -1.33 13.00 10.63
N LYS B 182 -0.18 12.39 10.33
CA LYS B 182 0.80 12.96 9.39
C LYS B 182 1.25 11.91 8.39
N PRO B 183 1.40 12.26 7.11
CA PRO B 183 1.82 11.27 6.12
C PRO B 183 3.31 10.90 6.17
N ARG B 184 3.63 9.67 5.78
CA ARG B 184 5.02 9.23 5.66
C ARG B 184 5.40 9.21 4.14
N ARG B 185 6.65 8.81 3.79
CA ARG B 185 7.05 8.80 2.39
C ARG B 185 6.23 7.82 1.54
N ALA B 186 5.73 6.73 2.17
CA ALA B 186 4.87 5.75 1.50
C ALA B 186 3.50 6.35 1.13
N ASP B 187 3.06 7.40 1.83
CA ASP B 187 1.80 8.11 1.54
C ASP B 187 1.95 9.12 0.39
N LEU B 188 3.19 9.41 -0.06
CA LEU B 188 3.47 10.35 -1.13
C LEU B 188 3.49 9.64 -2.48
N ASP B 189 3.23 10.40 -3.56
CA ASP B 189 3.21 9.86 -4.92
C ASP B 189 4.58 10.10 -5.64
N MET B 190 4.66 9.87 -6.95
CA MET B 190 5.87 10.07 -7.74
C MET B 190 6.26 11.56 -7.89
N ASN B 191 5.33 12.49 -7.57
CA ASN B 191 5.59 13.94 -7.61
C ASN B 191 5.75 14.55 -6.20
N GLN B 192 5.82 13.70 -5.16
CA GLN B 192 5.99 14.02 -3.73
C GLN B 192 4.74 14.65 -3.07
N HIS B 193 3.58 14.55 -3.73
CA HIS B 193 2.31 15.03 -3.17
C HIS B 193 1.63 13.88 -2.43
N VAL B 194 0.82 14.19 -1.39
CA VAL B 194 0.11 13.15 -0.64
C VAL B 194 -0.94 12.51 -1.56
N ASN B 195 -0.83 11.18 -1.75
CA ASN B 195 -1.70 10.34 -2.58
C ASN B 195 -3.14 10.55 -2.11
N ASN B 196 -4.08 10.92 -3.01
CA ASN B 196 -5.43 11.27 -2.54
C ASN B 196 -6.23 10.06 -2.00
N VAL B 197 -5.63 8.86 -1.97
CA VAL B 197 -6.20 7.66 -1.32
C VAL B 197 -5.98 7.74 0.21
N THR B 198 -4.88 8.43 0.65
CA THR B 198 -4.50 8.65 2.05
C THR B 198 -5.58 9.41 2.81
N TYR B 199 -6.25 10.36 2.14
CA TYR B 199 -7.35 11.13 2.75
C TYR B 199 -8.54 10.25 3.09
N ILE B 200 -8.77 9.18 2.32
CA ILE B 200 -9.83 8.22 2.57
C ILE B 200 -9.50 7.46 3.86
N GLY B 201 -8.24 7.03 4.00
CA GLY B 201 -7.76 6.31 5.18
C GLY B 201 -7.80 7.14 6.43
N TRP B 202 -7.49 8.45 6.29
CA TRP B 202 -7.52 9.42 7.37
C TRP B 202 -8.96 9.74 7.77
N VAL B 203 -9.89 9.80 6.80
CA VAL B 203 -11.32 10.03 7.10
C VAL B 203 -11.87 8.89 7.99
N LEU B 204 -11.58 7.64 7.60
CA LEU B 204 -12.05 6.46 8.33
C LEU B 204 -11.31 6.18 9.64
N GLU B 205 -10.24 6.92 9.94
CA GLU B 205 -9.50 6.77 11.20
C GLU B 205 -10.31 7.20 12.43
N SER B 206 -11.24 8.13 12.23
CA SER B 206 -12.10 8.62 13.30
C SER B 206 -13.36 7.78 13.51
N ILE B 207 -13.68 6.82 12.59
CA ILE B 207 -14.80 5.89 12.74
C ILE B 207 -14.39 4.90 13.85
N PRO B 208 -15.27 4.64 14.85
CA PRO B 208 -14.89 3.71 15.94
C PRO B 208 -14.65 2.28 15.48
N GLN B 209 -13.67 1.58 16.10
CA GLN B 209 -13.36 0.21 15.77
C GLN B 209 -14.57 -0.73 15.84
N GLU B 210 -15.48 -0.51 16.81
CA GLU B 210 -16.67 -1.36 16.93
C GLU B 210 -17.60 -1.23 15.74
N ILE B 211 -17.66 -0.03 15.14
CA ILE B 211 -18.47 0.20 13.95
C ILE B 211 -17.87 -0.59 12.80
N VAL B 212 -16.56 -0.51 12.61
CA VAL B 212 -15.82 -1.21 11.55
C VAL B 212 -15.94 -2.74 11.71
N ASP B 213 -15.85 -3.23 12.94
CA ASP B 213 -15.94 -4.66 13.26
C ASP B 213 -17.33 -5.31 13.02
N THR B 214 -18.41 -4.52 13.18
CA THR B 214 -19.78 -5.02 13.02
C THR B 214 -20.49 -4.52 11.76
N HIS B 215 -19.89 -3.61 11.00
CA HIS B 215 -20.52 -3.09 9.79
C HIS B 215 -19.59 -3.14 8.58
N GLU B 216 -20.15 -3.07 7.37
CA GLU B 216 -19.34 -3.00 6.18
C GLU B 216 -19.61 -1.69 5.47
N LEU B 217 -18.56 -1.01 5.00
CA LEU B 217 -18.67 0.28 4.31
C LEU B 217 -19.34 0.08 2.97
N GLN B 218 -20.53 0.68 2.80
CA GLN B 218 -21.29 0.59 1.56
C GLN B 218 -21.04 1.79 0.61
N VAL B 219 -21.13 3.03 1.11
CA VAL B 219 -20.90 4.25 0.31
C VAL B 219 -19.91 5.18 1.00
N ILE B 220 -19.13 5.95 0.22
CA ILE B 220 -18.21 6.98 0.70
C ILE B 220 -18.17 8.12 -0.32
N THR B 221 -18.46 9.33 0.12
CA THR B 221 -18.39 10.51 -0.73
C THR B 221 -17.40 11.46 -0.08
N LEU B 222 -16.39 11.90 -0.85
CA LEU B 222 -15.35 12.73 -0.30
C LEU B 222 -15.01 13.95 -1.18
N ASP B 223 -15.17 15.17 -0.64
CA ASP B 223 -14.87 16.41 -1.35
C ASP B 223 -13.51 16.93 -0.95
N TYR B 224 -12.65 17.15 -1.92
CA TYR B 224 -11.29 17.62 -1.70
C TYR B 224 -11.25 19.15 -1.77
N ARG B 225 -10.89 19.79 -0.66
CA ARG B 225 -10.87 21.24 -0.59
C ARG B 225 -9.48 21.84 -0.70
N ARG B 226 -8.46 21.11 -0.21
CA ARG B 226 -7.08 21.58 -0.19
C ARG B 226 -6.13 20.41 0.03
N GLU B 227 -4.93 20.49 -0.53
CA GLU B 227 -3.92 19.47 -0.34
C GLU B 227 -3.28 19.60 1.03
N CYS B 228 -2.86 18.47 1.57
CA CYS B 228 -2.12 18.37 2.82
C CYS B 228 -0.66 18.20 2.41
N GLN B 229 0.21 19.13 2.80
CA GLN B 229 1.63 19.05 2.50
C GLN B 229 2.28 17.94 3.33
N GLN B 230 3.48 17.52 2.94
CA GLN B 230 4.22 16.49 3.64
C GLN B 230 4.47 16.87 5.12
N ASP B 231 4.79 18.15 5.36
CA ASP B 231 5.06 18.65 6.70
C ASP B 231 3.81 19.17 7.48
N ASP B 232 2.61 18.79 7.04
CA ASP B 232 1.36 19.19 7.68
C ASP B 232 0.83 18.05 8.59
N VAL B 233 0.03 18.41 9.59
CA VAL B 233 -0.61 17.48 10.53
C VAL B 233 -2.13 17.68 10.44
N VAL B 234 -2.88 16.57 10.35
CA VAL B 234 -4.32 16.53 10.15
C VAL B 234 -5.07 15.97 11.38
N ASP B 235 -6.29 16.48 11.61
CA ASP B 235 -7.23 16.01 12.60
C ASP B 235 -8.44 15.44 11.84
N SER B 236 -8.85 14.21 12.16
CA SER B 236 -10.00 13.58 11.52
C SER B 236 -11.19 13.61 12.48
N LEU B 237 -12.33 14.22 12.07
CA LEU B 237 -13.50 14.34 12.93
C LEU B 237 -14.72 13.58 12.35
N THR B 238 -15.60 13.02 13.20
CA THR B 238 -16.78 12.24 12.78
C THR B 238 -17.99 12.44 13.71
N THR B 239 -19.23 12.38 13.19
CA THR B 239 -20.48 12.46 13.96
C THR B 239 -21.55 11.60 13.28
N THR B 240 -22.23 10.73 14.03
CA THR B 240 -23.30 9.90 13.47
C THR B 240 -24.49 10.80 13.13
N THR B 241 -25.02 10.68 11.91
CA THR B 241 -26.13 11.53 11.48
C THR B 241 -27.34 10.69 11.14
N SER B 242 -27.62 9.66 11.95
CA SER B 242 -28.78 8.80 11.72
C SER B 242 -29.51 8.41 13.03
N ASP B 260 -28.82 0.63 9.29
CA ASP B 260 -27.76 1.36 8.60
C ASP B 260 -27.11 2.42 9.49
N SER B 261 -25.96 2.98 9.06
CA SER B 261 -25.25 4.01 9.83
C SER B 261 -24.66 5.09 8.92
N GLN B 262 -24.98 6.35 9.22
CA GLN B 262 -24.49 7.48 8.46
C GLN B 262 -23.54 8.30 9.30
N PHE B 263 -22.49 8.80 8.68
CA PHE B 263 -21.51 9.61 9.36
C PHE B 263 -21.16 10.85 8.57
N LEU B 264 -20.90 11.95 9.25
CA LEU B 264 -20.45 13.19 8.63
C LEU B 264 -18.98 13.32 9.05
N HIS B 265 -18.10 13.65 8.10
CA HIS B 265 -16.66 13.69 8.33
C HIS B 265 -16.03 15.04 8.05
N LEU B 266 -14.84 15.28 8.61
CA LEU B 266 -14.12 16.53 8.38
C LEU B 266 -12.64 16.36 8.68
N LEU B 267 -11.78 16.62 7.68
CA LEU B 267 -10.34 16.59 7.90
C LEU B 267 -9.90 18.04 7.95
N ARG B 268 -9.08 18.42 8.93
CA ARG B 268 -8.59 19.78 9.02
C ARG B 268 -7.18 19.85 9.58
N LEU B 269 -6.44 20.92 9.29
CA LEU B 269 -5.07 21.06 9.80
C LEU B 269 -5.08 21.26 11.31
N SER B 270 -4.30 20.44 12.03
CA SER B 270 -4.20 20.43 13.50
C SER B 270 -3.97 21.80 14.12
N GLY B 271 -3.27 22.66 13.39
CA GLY B 271 -3.00 23.99 13.86
C GLY B 271 -4.17 24.93 13.70
N ASP B 272 -4.13 25.73 12.63
CA ASP B 272 -5.13 26.75 12.32
C ASP B 272 -6.53 26.22 12.06
N GLY B 273 -6.71 24.91 11.92
CA GLY B 273 -8.03 24.34 11.68
C GLY B 273 -8.52 24.58 10.26
N GLN B 274 -7.57 24.64 9.30
CA GLN B 274 -7.86 24.84 7.88
C GLN B 274 -8.48 23.60 7.30
N GLU B 275 -9.63 23.73 6.64
CA GLU B 275 -10.33 22.61 6.04
C GLU B 275 -9.61 22.06 4.83
N ILE B 276 -9.42 20.76 4.80
CA ILE B 276 -8.78 20.11 3.67
C ILE B 276 -9.74 19.12 2.99
N ASN B 277 -10.67 18.51 3.77
CA ASN B 277 -11.64 17.54 3.28
C ASN B 277 -12.91 17.51 4.10
N ARG B 278 -14.00 17.11 3.47
CA ARG B 278 -15.30 16.87 4.09
C ARG B 278 -16.00 15.70 3.36
N GLY B 279 -16.74 14.89 4.10
CA GLY B 279 -17.39 13.74 3.49
C GLY B 279 -18.49 13.11 4.30
N THR B 280 -19.02 12.01 3.79
CA THR B 280 -20.06 11.20 4.41
C THR B 280 -19.85 9.73 4.04
N THR B 281 -20.02 8.84 5.02
CA THR B 281 -19.93 7.41 4.76
C THR B 281 -21.26 6.76 5.14
N LEU B 282 -21.51 5.58 4.57
CA LEU B 282 -22.72 4.84 4.88
C LEU B 282 -22.31 3.41 5.12
N TRP B 283 -22.74 2.85 6.26
CA TRP B 283 -22.38 1.49 6.63
C TRP B 283 -23.62 0.63 6.81
N ARG B 284 -23.53 -0.66 6.43
CA ARG B 284 -24.60 -1.66 6.54
C ARG B 284 -24.21 -2.69 7.61
N LYS B 285 -25.18 -3.18 8.41
CA LYS B 285 -24.91 -4.20 9.40
C LYS B 285 -24.53 -5.51 8.68
N LYS B 286 -23.48 -6.20 9.18
CA LYS B 286 -22.98 -7.44 8.59
C LYS B 286 -23.95 -8.61 8.82
C10 JGY C . 9.87 -10.48 18.32
C13 JGY C . 12.69 -12.75 18.33
C01 JGY C . 5.02 -8.90 21.76
N02 JGY C . 6.02 -9.59 20.96
C03 JGY C . 6.96 -10.46 21.38
C04 JGY C . 7.68 -10.84 20.30
C05 JGY C . 7.09 -10.11 19.20
N06 JGY C . 6.05 -9.38 19.61
C07 JGY C . 7.46 -10.11 17.76
O08 JGY C . 6.62 -9.82 16.91
N09 JGY C . 8.73 -10.42 17.42
C11 JGY C . 10.48 -11.86 18.43
C12 JGY C . 11.76 -12.01 19.25
C14 JGY C . 12.19 -12.26 17.03
O15 JGY C . 10.78 -12.33 17.12
S SO4 D . 8.56 -19.97 6.65
O1 SO4 D . 9.98 -19.72 6.87
O2 SO4 D . 8.33 -21.38 6.27
O3 SO4 D . 7.87 -19.71 7.93
O4 SO4 D . 8.00 -19.08 5.60
S SO4 E . 6.40 -23.29 2.66
O1 SO4 E . 7.27 -22.39 3.42
O2 SO4 E . 6.84 -24.67 2.86
O3 SO4 E . 5.04 -23.07 3.22
O4 SO4 E . 6.35 -22.94 1.23
C10 JGY F . -8.98 20.76 -4.78
C13 JGY F . -11.58 23.10 -5.39
C01 JGY F . -2.67 23.09 -2.05
N02 JGY F . -3.96 23.04 -2.72
C03 JGY F . -4.74 24.09 -3.08
C04 JGY F . -5.85 23.58 -3.67
C05 JGY F . -5.66 22.16 -3.65
N06 JGY F . -4.51 21.83 -3.05
C07 JGY F . -6.63 21.12 -4.11
O08 JGY F . -6.26 19.98 -4.38
N09 JGY F . -7.90 21.52 -4.15
C11 JGY F . -9.75 21.61 -5.78
C12 JGY F . -10.07 23.06 -5.47
C14 JGY F . -11.90 22.03 -6.36
O15 JGY F . -11.00 20.98 -6.05
S SO4 G . -9.16 12.65 -16.06
O1 SO4 G . -8.10 13.13 -15.16
O2 SO4 G . -8.85 11.26 -16.47
O3 SO4 G . -10.41 12.75 -15.28
O4 SO4 G . -9.23 13.55 -17.24
S SO4 H . -8.00 9.89 -20.94
O1 SO4 H . -6.98 10.34 -19.98
O2 SO4 H . -7.78 8.46 -21.24
O3 SO4 H . -9.36 10.04 -20.40
O4 SO4 H . -7.90 10.71 -22.16
#